data_8BE2
#
_entry.id   8BE2
#
_cell.length_a   80.533
_cell.length_b   102.933
_cell.length_c   108.494
_cell.angle_alpha   90.000
_cell.angle_beta   90.000
_cell.angle_gamma   90.000
#
_symmetry.space_group_name_H-M   'P 21 21 21'
#
loop_
_entity.id
_entity.type
_entity.pdbx_description
1 polymer 'Son of sevenless homolog 1'
2 polymer 'Nanobody 77'
3 non-polymer 'SULFATE ION'
4 water water
#
loop_
_entity_poly.entity_id
_entity_poly.type
_entity_poly.pdbx_seq_one_letter_code
_entity_poly.pdbx_strand_id
1 'polypeptide(L)'
;MGSSHHHHHHSSGLVPRGSHMEEQMRLPSADVYRFAEPDSEENIIFEENMQPKAGIPIIKAGTVIKLIERLTYHMYADPN
FVRTFLTTYRSFCKPQELLSLIIERFEIPEPEPTEADRIAIENGDQPLSAELKRFRKEYIQPVQLRVLNVCRHWVEHHFY
DFERDAYLLQRMEEFIGTVRGKAMKKWVESITKIIQRKKIARDNGPGHNITFQSSPPTVEWHISRPGHIETFDLLTLHPI
EIARQLTLLESDLYRAVQPSELVGSVWTKEDKEINSPNLLKMIRHTTNLTLWFEKCIVETENLEERVAVVSRIIEILQVF
QELNNFNGVLEVVSAMNSSPVYRLDHTFEQIPSRQKKILEEAHELSEDHYKKYLAKLRSINPPCVPFFGIYLTNILKTEE
GNPEVLKRHGKELINFSKRRKVAEITGEIQQYQNQPYCLRVESDIKRFFENLNPMGNSMEKEFTDYLFNKSLEIEPRNPK
PLPRFPKKYSYPLKSPGVRPSNPRPGT
;
S
2 'polypeptide(L)'
;QVQLVESGGGLVQPGGSLRLSCAASRSISSINIMGWYRQAPGKERESVASHTRDGSTDYADSVKGRFTISRDNAKNTVYL
QMNSLKPEDTAVYYCTTLTGFPRIRSWGQGTQVTVSSHHHHHHEPEA
;
N
#
loop_
_chem_comp.id
_chem_comp.type
_chem_comp.name
_chem_comp.formula
SO4 non-polymer 'SULFATE ION' 'O4 S -2'
#
# COMPACT_ATOMS: atom_id res chain seq x y z
N MET A 25 -9.81 -29.96 -41.56
CA MET A 25 -9.34 -28.85 -40.74
C MET A 25 -9.42 -27.51 -41.50
N ARG A 26 -10.62 -27.18 -41.94
CA ARG A 26 -10.90 -25.97 -42.70
C ARG A 26 -10.88 -24.75 -41.80
N LEU A 27 -10.79 -23.58 -42.43
CA LEU A 27 -10.70 -22.31 -41.72
C LEU A 27 -11.00 -21.19 -42.69
N PRO A 28 -11.63 -20.11 -42.23
CA PRO A 28 -11.65 -18.89 -43.05
C PRO A 28 -10.24 -18.35 -43.22
N SER A 29 -10.06 -17.61 -44.31
CA SER A 29 -8.77 -16.99 -44.56
C SER A 29 -8.42 -16.00 -43.45
N ALA A 30 -7.14 -15.96 -43.08
CA ALA A 30 -6.70 -14.98 -42.09
C ALA A 30 -6.94 -13.54 -42.53
N ASP A 31 -7.21 -13.32 -43.82
CA ASP A 31 -7.48 -11.98 -44.31
C ASP A 31 -8.87 -11.50 -43.94
N VAL A 32 -9.82 -12.42 -43.74
CA VAL A 32 -11.19 -12.07 -43.35
C VAL A 32 -11.51 -12.45 -41.91
N TYR A 33 -10.59 -13.09 -41.19
CA TYR A 33 -10.84 -13.47 -39.80
C TYR A 33 -9.48 -13.56 -39.11
N ARG A 34 -9.15 -12.53 -38.32
CA ARG A 34 -7.81 -12.36 -37.79
C ARG A 34 -7.38 -13.51 -36.88
N PHE A 35 -8.34 -14.16 -36.21
CA PHE A 35 -7.97 -15.18 -35.24
C PHE A 35 -7.47 -16.47 -35.90
N ALA A 36 -7.61 -16.59 -37.21
CA ALA A 36 -7.15 -17.78 -37.93
C ALA A 36 -5.68 -17.71 -38.32
N GLU A 37 -4.97 -16.64 -37.97
CA GLU A 37 -3.55 -16.58 -38.31
C GLU A 37 -2.79 -17.68 -37.56
N PRO A 38 -1.84 -18.34 -38.22
CA PRO A 38 -1.10 -19.43 -37.55
C PRO A 38 -0.34 -18.93 -36.33
N ASP A 39 -0.30 -19.78 -35.30
CA ASP A 39 0.55 -19.53 -34.15
C ASP A 39 2.01 -19.41 -34.58
N SER A 40 2.69 -18.40 -34.07
CA SER A 40 4.13 -18.34 -34.22
C SER A 40 4.71 -17.70 -32.99
N GLU A 41 6.01 -17.78 -32.86
CA GLU A 41 6.67 -17.19 -31.74
C GLU A 41 6.56 -15.67 -31.79
N GLU A 42 6.18 -15.12 -32.93
CA GLU A 42 5.95 -13.69 -33.07
C GLU A 42 4.55 -13.25 -32.65
N ASN A 43 3.62 -14.16 -32.33
CA ASN A 43 2.33 -13.75 -31.80
C ASN A 43 1.85 -14.51 -30.57
N ILE A 44 2.48 -15.62 -30.17
CA ILE A 44 2.12 -16.27 -28.90
C ILE A 44 3.25 -17.16 -28.39
N ILE A 45 3.58 -17.01 -27.11
CA ILE A 45 4.64 -17.73 -26.43
C ILE A 45 4.05 -18.41 -25.21
N PHE A 46 4.52 -19.62 -24.91
CA PHE A 46 4.03 -20.37 -23.76
C PHE A 46 5.12 -20.54 -22.71
N GLU A 47 4.70 -20.90 -21.50
CA GLU A 47 5.65 -21.09 -20.41
C GLU A 47 6.46 -22.37 -20.61
N GLU A 48 7.71 -22.31 -20.20
CA GLU A 48 8.69 -23.37 -20.42
C GLU A 48 8.49 -24.52 -19.44
N ALA A 54 2.11 -32.82 -20.84
CA ALA A 54 1.76 -31.52 -21.40
C ALA A 54 0.41 -31.59 -22.14
N GLY A 55 -0.61 -30.96 -21.56
CA GLY A 55 -1.96 -31.02 -22.09
C GLY A 55 -2.55 -29.68 -22.45
N ILE A 56 -2.50 -28.72 -21.52
CA ILE A 56 -2.97 -27.37 -21.77
C ILE A 56 -1.80 -26.43 -21.48
N PRO A 57 -1.34 -25.66 -22.46
CA PRO A 57 -0.17 -24.80 -22.22
C PRO A 57 -0.52 -23.59 -21.37
N ILE A 58 0.50 -23.08 -20.69
CA ILE A 58 0.40 -21.87 -19.89
C ILE A 58 0.93 -20.72 -20.73
N ILE A 59 0.09 -19.73 -20.98
CA ILE A 59 0.47 -18.62 -21.84
C ILE A 59 1.40 -17.68 -21.10
N LYS A 60 2.53 -17.36 -21.73
CA LYS A 60 3.48 -16.38 -21.22
C LYS A 60 3.29 -15.00 -21.84
N ALA A 61 3.06 -14.95 -23.15
CA ALA A 61 2.90 -13.68 -23.83
C ALA A 61 2.18 -13.90 -25.16
N GLY A 62 1.57 -12.84 -25.66
CA GLY A 62 0.92 -12.90 -26.96
C GLY A 62 0.45 -11.54 -27.39
N THR A 63 0.16 -11.43 -28.69
CA THR A 63 -0.60 -10.28 -29.13
C THR A 63 -2.00 -10.35 -28.53
N VAL A 64 -2.66 -9.20 -28.45
CA VAL A 64 -4.02 -9.18 -27.90
C VAL A 64 -4.92 -10.14 -28.67
N ILE A 65 -4.74 -10.21 -30.00
CA ILE A 65 -5.58 -11.09 -30.82
C ILE A 65 -5.38 -12.55 -30.43
N LYS A 66 -4.13 -12.94 -30.16
CA LYS A 66 -3.85 -14.31 -29.76
C LYS A 66 -4.36 -14.61 -28.35
N LEU A 67 -4.19 -13.66 -27.43
CA LEU A 67 -4.74 -13.83 -26.09
C LEU A 67 -6.24 -14.08 -26.17
N ILE A 68 -6.94 -13.31 -26.99
CA ILE A 68 -8.38 -13.47 -27.09
C ILE A 68 -8.74 -14.81 -27.74
N GLU A 69 -7.96 -15.23 -28.74
CA GLU A 69 -8.19 -16.54 -29.35
C GLU A 69 -8.10 -17.65 -28.31
N ARG A 70 -7.05 -17.62 -27.49
CA ARG A 70 -6.87 -18.62 -26.43
C ARG A 70 -7.88 -18.44 -25.29
N LEU A 71 -8.39 -17.24 -25.10
CA LEU A 71 -9.47 -17.03 -24.15
C LEU A 71 -10.74 -17.78 -24.55
N THR A 72 -10.89 -18.05 -25.84
CA THR A 72 -12.10 -18.60 -26.44
C THR A 72 -11.73 -19.74 -27.39
N TYR A 73 -10.80 -20.60 -26.96
CA TYR A 73 -10.14 -21.54 -27.84
C TYR A 73 -11.08 -22.68 -28.26
N HIS A 74 -10.98 -23.11 -29.52
CA HIS A 74 -11.92 -24.12 -29.99
C HIS A 74 -11.63 -25.51 -29.43
N MET A 75 -10.41 -25.79 -28.98
CA MET A 75 -10.02 -27.15 -28.59
C MET A 75 -10.26 -27.47 -27.11
N TYR A 76 -10.43 -26.48 -26.25
CA TYR A 76 -10.65 -26.73 -24.83
C TYR A 76 -11.06 -25.43 -24.16
N ALA A 77 -11.68 -25.57 -22.98
CA ALA A 77 -11.92 -24.46 -22.06
C ALA A 77 -10.72 -24.31 -21.13
N ASP A 78 -10.47 -23.08 -20.69
CA ASP A 78 -9.34 -22.79 -19.80
C ASP A 78 -9.80 -21.81 -18.73
N PRO A 79 -10.53 -22.28 -17.73
CA PRO A 79 -11.06 -21.35 -16.71
C PRO A 79 -9.97 -20.53 -16.03
N ASN A 80 -8.81 -21.11 -15.74
CA ASN A 80 -7.77 -20.34 -15.05
C ASN A 80 -7.33 -19.15 -15.89
N PHE A 81 -7.25 -19.32 -17.21
CA PHE A 81 -6.85 -18.22 -18.07
C PHE A 81 -7.93 -17.16 -18.15
N VAL A 82 -9.18 -17.58 -18.27
CA VAL A 82 -10.30 -16.63 -18.28
C VAL A 82 -10.28 -15.82 -16.99
N ARG A 83 -10.07 -16.50 -15.87
CA ARG A 83 -10.00 -15.83 -14.56
C ARG A 83 -8.92 -14.75 -14.55
N THR A 84 -7.67 -15.13 -14.89
CA THR A 84 -6.58 -14.16 -14.88
C THR A 84 -6.83 -13.04 -15.90
N PHE A 85 -7.28 -13.40 -17.10
CA PHE A 85 -7.49 -12.40 -18.15
C PHE A 85 -8.50 -11.34 -17.72
N LEU A 86 -9.67 -11.76 -17.22
CA LEU A 86 -10.69 -10.78 -16.87
C LEU A 86 -10.28 -9.93 -15.67
N THR A 87 -9.36 -10.42 -14.83
CA THR A 87 -8.84 -9.60 -13.72
C THR A 87 -7.86 -8.54 -14.23
N THR A 88 -7.06 -8.86 -15.26
CA THR A 88 -5.91 -8.03 -15.60
C THR A 88 -6.00 -7.33 -16.94
N TYR A 89 -6.99 -7.63 -17.78
CA TYR A 89 -6.96 -7.18 -19.17
C TYR A 89 -6.97 -5.67 -19.31
N ARG A 90 -7.49 -4.94 -18.32
CA ARG A 90 -7.59 -3.50 -18.48
C ARG A 90 -6.22 -2.85 -18.55
N SER A 91 -5.17 -3.58 -18.17
CA SER A 91 -3.82 -3.08 -18.32
C SER A 91 -3.29 -3.19 -19.74
N PHE A 92 -4.06 -3.76 -20.68
CA PHE A 92 -3.60 -3.78 -22.06
C PHE A 92 -4.72 -3.63 -23.08
N CYS A 93 -5.95 -3.37 -22.66
CA CYS A 93 -7.11 -3.33 -23.56
C CYS A 93 -8.24 -2.62 -22.82
N LYS A 94 -8.94 -1.71 -23.50
CA LYS A 94 -10.08 -1.06 -22.87
C LYS A 94 -11.28 -2.00 -22.83
N PRO A 95 -12.19 -1.81 -21.86
CA PRO A 95 -13.43 -2.63 -21.84
C PRO A 95 -14.22 -2.58 -23.13
N GLN A 96 -14.44 -1.39 -23.71
CA GLN A 96 -15.20 -1.34 -24.98
C GLN A 96 -14.44 -2.03 -26.11
N GLU A 97 -13.11 -2.00 -26.03
CA GLU A 97 -12.28 -2.67 -27.00
C GLU A 97 -12.38 -4.18 -26.87
N LEU A 98 -12.36 -4.69 -25.63
CA LEU A 98 -12.52 -6.11 -25.40
C LEU A 98 -13.85 -6.61 -25.96
N LEU A 99 -14.92 -5.86 -25.71
CA LEU A 99 -16.22 -6.26 -26.25
C LEU A 99 -16.20 -6.30 -27.77
N SER A 100 -15.60 -5.29 -28.41
CA SER A 100 -15.44 -5.34 -29.88
C SER A 100 -14.66 -6.59 -30.31
N LEU A 101 -13.61 -6.96 -29.57
CA LEU A 101 -12.81 -8.09 -30.02
C LEU A 101 -13.55 -9.42 -29.85
N ILE A 102 -14.34 -9.56 -28.78
CA ILE A 102 -15.04 -10.82 -28.62
C ILE A 102 -16.23 -10.90 -29.56
N ILE A 103 -16.80 -9.77 -29.99
CA ILE A 103 -17.78 -9.80 -31.07
C ILE A 103 -17.12 -10.25 -32.36
N GLU A 104 -15.97 -9.65 -32.69
CA GLU A 104 -15.20 -10.08 -33.86
C GLU A 104 -14.88 -11.56 -33.79
N ARG A 105 -14.48 -12.05 -32.61
CA ARG A 105 -14.21 -13.47 -32.41
C ARG A 105 -15.45 -14.32 -32.70
N PHE A 106 -16.62 -13.85 -32.24
CA PHE A 106 -17.86 -14.62 -32.31
C PHE A 106 -18.36 -14.74 -33.74
N GLU A 107 -18.20 -13.69 -34.56
CA GLU A 107 -18.86 -13.63 -35.86
C GLU A 107 -17.96 -14.27 -36.93
N ILE A 108 -17.91 -15.60 -36.91
CA ILE A 108 -16.96 -16.34 -37.73
C ILE A 108 -17.47 -16.41 -39.15
N PRO A 109 -16.67 -16.02 -40.14
CA PRO A 109 -17.09 -16.15 -41.55
C PRO A 109 -17.03 -17.59 -42.03
N GLU A 110 -17.52 -17.80 -43.25
CA GLU A 110 -17.45 -19.12 -43.85
C GLU A 110 -15.99 -19.50 -44.13
N PRO A 111 -15.66 -20.79 -44.02
CA PRO A 111 -14.28 -21.22 -44.25
C PRO A 111 -13.92 -21.09 -45.73
N GLU A 112 -12.63 -20.95 -45.99
CA GLU A 112 -12.18 -20.81 -47.36
C GLU A 112 -12.41 -22.13 -48.11
N PRO A 113 -12.92 -22.09 -49.34
CA PRO A 113 -13.37 -23.32 -50.00
C PRO A 113 -12.30 -24.04 -50.81
N THR A 114 -12.29 -25.36 -50.67
CA THR A 114 -11.58 -26.24 -51.59
C THR A 114 -12.21 -26.12 -52.98
N GLU A 115 -11.44 -26.50 -54.01
CA GLU A 115 -11.94 -26.42 -55.38
C GLU A 115 -13.29 -27.12 -55.54
N ALA A 116 -13.49 -28.23 -54.84
CA ALA A 116 -14.77 -28.94 -54.88
C ALA A 116 -15.91 -28.06 -54.37
N SER A 129 -19.98 -30.25 -47.89
CA SER A 129 -20.79 -30.18 -46.68
C SER A 129 -20.22 -30.98 -45.49
N ALA A 130 -19.68 -32.17 -45.76
CA ALA A 130 -19.11 -32.96 -44.67
C ALA A 130 -18.03 -32.18 -43.94
N GLU A 131 -17.06 -31.63 -44.70
CA GLU A 131 -16.04 -30.78 -44.10
C GLU A 131 -16.64 -29.48 -43.59
N LEU A 132 -17.68 -28.97 -44.28
CA LEU A 132 -18.40 -27.78 -43.84
C LEU A 132 -19.07 -28.01 -42.50
N LYS A 133 -19.81 -29.09 -42.39
CA LYS A 133 -20.55 -29.45 -41.19
C LYS A 133 -19.60 -29.67 -40.05
N ARG A 134 -18.48 -30.27 -40.34
CA ARG A 134 -17.45 -30.49 -39.32
C ARG A 134 -16.91 -29.16 -38.81
N PHE A 135 -16.76 -28.18 -39.71
CA PHE A 135 -16.28 -26.85 -39.30
C PHE A 135 -17.26 -26.18 -38.35
N ARG A 136 -18.56 -26.32 -38.63
CA ARG A 136 -19.55 -25.67 -37.77
C ARG A 136 -19.67 -26.39 -36.42
N LYS A 137 -19.46 -27.71 -36.39
CA LYS A 137 -19.54 -28.45 -35.14
C LYS A 137 -18.23 -28.39 -34.37
N GLU A 138 -17.09 -28.37 -35.06
CA GLU A 138 -15.81 -28.47 -34.37
C GLU A 138 -15.11 -27.14 -34.20
N TYR A 139 -15.56 -26.08 -34.89
CA TYR A 139 -14.95 -24.78 -34.75
C TYR A 139 -15.96 -23.73 -34.32
N ILE A 140 -17.00 -23.48 -35.11
CA ILE A 140 -17.91 -22.36 -34.81
C ILE A 140 -18.59 -22.56 -33.45
N GLN A 141 -19.22 -23.72 -33.26
N GLN A 141 -19.22 -23.72 -33.26
CA GLN A 141 -19.97 -23.94 -32.01
CA GLN A 141 -19.97 -23.93 -32.02
C GLN A 141 -19.10 -23.86 -30.77
C GLN A 141 -19.09 -23.85 -30.77
N PRO A 142 -17.95 -24.54 -30.68
CA PRO A 142 -17.13 -24.40 -29.47
C PRO A 142 -16.65 -22.97 -29.25
N VAL A 143 -16.20 -22.28 -30.30
CA VAL A 143 -15.69 -20.92 -30.15
C VAL A 143 -16.80 -20.00 -29.65
N GLN A 144 -17.97 -20.08 -30.29
CA GLN A 144 -19.07 -19.20 -29.91
C GLN A 144 -19.58 -19.49 -28.50
N LEU A 145 -19.56 -20.76 -28.07
CA LEU A 145 -19.91 -21.07 -26.68
C LEU A 145 -18.89 -20.49 -25.71
N ARG A 146 -17.60 -20.56 -26.07
CA ARG A 146 -16.60 -20.03 -25.17
C ARG A 146 -16.65 -18.51 -25.10
N VAL A 147 -17.04 -17.85 -26.20
CA VAL A 147 -17.26 -16.40 -26.14
C VAL A 147 -18.36 -16.08 -25.13
N LEU A 148 -19.46 -16.81 -25.19
CA LEU A 148 -20.54 -16.53 -24.24
C LEU A 148 -20.14 -16.87 -22.81
N ASN A 149 -19.27 -17.87 -22.62
CA ASN A 149 -18.77 -18.13 -21.27
C ASN A 149 -17.94 -16.96 -20.77
N VAL A 150 -17.14 -16.35 -21.65
CA VAL A 150 -16.38 -15.15 -21.27
C VAL A 150 -17.34 -14.02 -20.87
N CYS A 151 -18.40 -13.80 -21.64
CA CYS A 151 -19.36 -12.77 -21.27
C CYS A 151 -19.98 -13.06 -19.91
N ARG A 152 -20.30 -14.34 -19.65
N ARG A 152 -20.29 -14.34 -19.64
CA ARG A 152 -20.92 -14.70 -18.38
CA ARG A 152 -20.92 -14.70 -18.38
C ARG A 152 -19.98 -14.45 -17.21
C ARG A 152 -19.98 -14.45 -17.21
N HIS A 153 -18.72 -14.85 -17.34
CA HIS A 153 -17.72 -14.61 -16.29
C HIS A 153 -17.52 -13.11 -16.08
N TRP A 154 -17.56 -12.35 -17.16
CA TRP A 154 -17.39 -10.91 -17.10
C TRP A 154 -18.48 -10.26 -16.24
N VAL A 155 -19.76 -10.59 -16.48
CA VAL A 155 -20.81 -9.99 -15.66
C VAL A 155 -20.87 -10.64 -14.28
N GLU A 156 -20.45 -11.90 -14.14
CA GLU A 156 -20.56 -12.57 -12.85
C GLU A 156 -19.53 -12.03 -11.86
N HIS A 157 -18.33 -11.69 -12.33
CA HIS A 157 -17.27 -11.31 -11.40
C HIS A 157 -16.66 -9.95 -11.65
N HIS A 158 -17.01 -9.27 -12.73
CA HIS A 158 -16.46 -7.95 -12.98
C HIS A 158 -17.56 -7.01 -13.44
N PHE A 159 -18.71 -7.07 -12.76
CA PHE A 159 -19.85 -6.28 -13.22
C PHE A 159 -19.58 -4.78 -13.09
N TYR A 160 -18.60 -4.38 -12.28
CA TYR A 160 -18.29 -2.96 -12.13
C TYR A 160 -17.89 -2.33 -13.45
N ASP A 161 -17.33 -3.10 -14.41
CA ASP A 161 -17.07 -2.52 -15.72
C ASP A 161 -18.35 -1.93 -16.31
N PHE A 162 -19.47 -2.64 -16.13
CA PHE A 162 -20.74 -2.24 -16.72
C PHE A 162 -21.47 -1.21 -15.86
N GLU A 163 -21.18 -1.18 -14.55
CA GLU A 163 -21.70 -0.09 -13.72
C GLU A 163 -21.01 1.23 -14.04
N ARG A 164 -19.72 1.19 -14.35
CA ARG A 164 -19.00 2.41 -14.69
C ARG A 164 -19.31 2.91 -16.09
N ASP A 165 -19.88 2.07 -16.96
CA ASP A 165 -20.06 2.42 -18.38
C ASP A 165 -21.39 1.78 -18.82
N ALA A 166 -22.47 2.55 -18.68
CA ALA A 166 -23.80 2.01 -19.04
C ALA A 166 -23.87 1.62 -20.51
N TYR A 167 -23.15 2.33 -21.39
CA TYR A 167 -23.19 1.95 -22.80
C TYR A 167 -22.49 0.61 -23.05
N LEU A 168 -21.43 0.29 -22.29
CA LEU A 168 -20.82 -1.03 -22.43
C LEU A 168 -21.84 -2.12 -22.15
N LEU A 169 -22.67 -1.93 -21.12
CA LEU A 169 -23.74 -2.90 -20.82
C LEU A 169 -24.78 -2.93 -21.93
N GLN A 170 -25.11 -1.77 -22.50
CA GLN A 170 -26.04 -1.73 -23.62
C GLN A 170 -25.52 -2.55 -24.80
N ARG A 171 -24.26 -2.35 -25.17
CA ARG A 171 -23.68 -3.12 -26.27
C ARG A 171 -23.69 -4.61 -25.98
N MET A 172 -23.41 -4.98 -24.74
CA MET A 172 -23.39 -6.40 -24.38
C MET A 172 -24.79 -7.00 -24.50
N GLU A 173 -25.81 -6.32 -23.97
CA GLU A 173 -27.17 -6.84 -24.08
C GLU A 173 -27.59 -6.99 -25.54
N GLU A 174 -27.28 -5.98 -26.36
CA GLU A 174 -27.61 -6.06 -27.78
C GLU A 174 -26.85 -7.19 -28.46
N PHE A 175 -25.59 -7.41 -28.11
CA PHE A 175 -24.82 -8.49 -28.74
C PHE A 175 -25.41 -9.86 -28.42
N ILE A 176 -25.64 -10.15 -27.14
CA ILE A 176 -26.18 -11.46 -26.79
C ILE A 176 -27.61 -11.61 -27.28
N GLY A 177 -28.31 -10.50 -27.55
CA GLY A 177 -29.62 -10.57 -28.16
C GLY A 177 -29.62 -11.09 -29.58
N THR A 178 -28.49 -10.99 -30.28
CA THR A 178 -28.36 -11.52 -31.65
C THR A 178 -28.08 -13.01 -31.70
N VAL A 179 -27.86 -13.66 -30.56
CA VAL A 179 -27.42 -15.05 -30.55
C VAL A 179 -28.60 -15.98 -30.82
N ARG A 180 -28.38 -16.97 -31.69
CA ARG A 180 -29.41 -17.92 -32.08
C ARG A 180 -28.98 -19.35 -31.74
N GLY A 181 -29.96 -20.18 -31.36
CA GLY A 181 -29.71 -21.59 -31.14
C GLY A 181 -30.04 -22.10 -29.75
N LYS A 182 -30.51 -23.35 -29.67
CA LYS A 182 -30.95 -23.90 -28.39
C LYS A 182 -29.81 -23.96 -27.37
N ALA A 183 -28.65 -24.47 -27.79
CA ALA A 183 -27.55 -24.62 -26.84
C ALA A 183 -27.09 -23.27 -26.30
N MET A 184 -27.04 -22.25 -27.17
CA MET A 184 -26.45 -20.98 -26.78
C MET A 184 -27.45 -20.06 -26.09
N LYS A 185 -28.75 -20.23 -26.33
CA LYS A 185 -29.72 -19.45 -25.58
C LYS A 185 -29.73 -19.83 -24.10
N LYS A 186 -29.30 -21.05 -23.74
CA LYS A 186 -29.06 -21.35 -22.32
C LYS A 186 -28.06 -20.37 -21.72
N TRP A 187 -26.98 -20.09 -22.46
CA TRP A 187 -25.96 -19.17 -21.96
C TRP A 187 -26.45 -17.73 -22.01
N VAL A 188 -27.17 -17.35 -23.07
CA VAL A 188 -27.79 -16.04 -23.10
C VAL A 188 -28.69 -15.85 -21.89
N GLU A 189 -29.46 -16.89 -21.56
CA GLU A 189 -30.38 -16.78 -20.43
C GLU A 189 -29.62 -16.57 -19.12
N SER A 190 -28.54 -17.32 -18.91
CA SER A 190 -27.79 -17.17 -17.66
C SER A 190 -27.14 -15.80 -17.55
N ILE A 191 -26.66 -15.25 -18.69
CA ILE A 191 -26.07 -13.90 -18.69
C ILE A 191 -27.14 -12.87 -18.34
N THR A 192 -28.31 -12.98 -18.98
CA THR A 192 -29.39 -12.04 -18.73
C THR A 192 -29.86 -12.08 -17.28
N LYS A 193 -29.92 -13.28 -16.70
CA LYS A 193 -30.33 -13.41 -15.31
C LYS A 193 -29.30 -12.76 -14.36
N ILE A 194 -28.01 -12.90 -14.67
CA ILE A 194 -26.99 -12.27 -13.83
C ILE A 194 -27.14 -10.76 -13.88
N ILE A 195 -27.27 -10.22 -15.10
CA ILE A 195 -27.41 -8.77 -15.27
C ILE A 195 -28.60 -8.24 -14.46
N GLN A 196 -29.74 -8.93 -14.56
CA GLN A 196 -30.94 -8.45 -13.86
C GLN A 196 -30.73 -8.44 -12.35
N ARG A 197 -30.15 -9.50 -11.80
CA ARG A 197 -29.88 -9.52 -10.36
C ARG A 197 -28.88 -8.44 -9.97
N LYS A 198 -27.89 -8.17 -10.82
CA LYS A 198 -26.89 -7.15 -10.47
C LYS A 198 -27.47 -5.74 -10.49
N LYS A 199 -28.40 -5.46 -11.40
CA LYS A 199 -29.04 -4.14 -11.40
C LYS A 199 -29.82 -3.90 -10.11
N ILE A 200 -30.49 -4.94 -9.60
CA ILE A 200 -31.33 -4.78 -8.42
C ILE A 200 -30.49 -4.40 -7.21
N ALA A 201 -29.40 -5.14 -6.97
CA ALA A 201 -28.56 -4.92 -5.80
C ALA A 201 -27.96 -3.52 -5.78
N GLN A 213 -24.54 -13.64 14.02
CA GLN A 213 -24.62 -14.90 14.75
C GLN A 213 -25.03 -14.72 16.21
N SER A 214 -24.30 -13.89 16.94
CA SER A 214 -24.57 -13.61 18.34
C SER A 214 -24.66 -12.11 18.52
N SER A 215 -24.87 -11.67 19.77
CA SER A 215 -25.02 -10.23 19.97
C SER A 215 -23.66 -9.55 20.07
N PRO A 216 -23.50 -8.38 19.47
CA PRO A 216 -22.24 -7.63 19.61
C PRO A 216 -22.13 -7.02 21.00
N PRO A 217 -20.92 -6.73 21.47
CA PRO A 217 -20.76 -6.13 22.80
C PRO A 217 -21.36 -4.73 22.83
N THR A 218 -21.57 -4.25 24.05
CA THR A 218 -22.04 -2.88 24.26
C THR A 218 -21.00 -1.87 23.78
N VAL A 219 -21.49 -0.85 23.06
CA VAL A 219 -20.65 0.28 22.68
C VAL A 219 -20.15 1.00 23.91
N GLU A 220 -18.85 1.27 23.94
CA GLU A 220 -18.18 1.88 25.09
C GLU A 220 -18.08 3.39 24.95
N TRP A 221 -18.25 4.12 26.07
CA TRP A 221 -18.15 5.56 26.10
C TRP A 221 -17.28 6.02 27.27
N HIS A 222 -16.58 7.14 27.07
CA HIS A 222 -15.63 7.65 28.04
C HIS A 222 -16.07 9.07 28.42
N ILE A 223 -15.37 10.11 27.95
CA ILE A 223 -15.79 11.46 28.29
C ILE A 223 -16.85 11.97 27.32
N SER A 224 -16.62 11.83 26.02
CA SER A 224 -17.64 12.22 25.05
C SER A 224 -18.90 11.41 25.29
N ARG A 225 -20.04 12.07 25.17
CA ARG A 225 -21.29 11.35 25.36
C ARG A 225 -21.92 11.01 24.01
N PRO A 226 -22.72 9.95 23.97
CA PRO A 226 -23.42 9.62 22.72
C PRO A 226 -24.24 10.80 22.23
N GLY A 227 -24.15 11.05 20.92
CA GLY A 227 -24.77 12.21 20.30
C GLY A 227 -23.99 13.51 20.38
N HIS A 228 -22.89 13.56 21.15
CA HIS A 228 -22.15 14.82 21.36
C HIS A 228 -20.98 14.92 20.39
N ILE A 229 -21.31 14.91 19.10
CA ILE A 229 -20.33 14.79 18.01
C ILE A 229 -19.22 15.84 18.15
N GLU A 230 -19.57 17.03 18.61
CA GLU A 230 -18.61 18.12 18.71
C GLU A 230 -17.56 17.89 19.80
N THR A 231 -17.79 16.94 20.72
CA THR A 231 -16.82 16.63 21.76
C THR A 231 -15.89 15.48 21.39
N PHE A 232 -16.11 14.82 20.25
CA PHE A 232 -15.32 13.63 19.92
C PHE A 232 -13.87 14.00 19.68
N ASP A 233 -12.96 13.22 20.25
CA ASP A 233 -11.54 13.48 20.05
C ASP A 233 -10.78 12.26 20.53
N LEU A 234 -9.46 12.28 20.28
CA LEU A 234 -8.63 11.13 20.62
C LEU A 234 -8.78 10.72 22.08
N LEU A 235 -8.72 11.68 23.00
CA LEU A 235 -8.73 11.37 24.43
C LEU A 235 -10.13 11.24 25.02
N THR A 236 -11.16 11.72 24.32
CA THR A 236 -12.51 11.78 24.88
C THR A 236 -13.40 10.61 24.45
N LEU A 237 -13.19 10.04 23.28
CA LEU A 237 -13.85 8.78 22.98
C LEU A 237 -13.18 7.68 23.78
N HIS A 238 -13.89 6.57 23.94
CA HIS A 238 -13.30 5.43 24.65
C HIS A 238 -12.29 4.74 23.75
N PRO A 239 -11.08 4.45 24.23
CA PRO A 239 -10.07 3.84 23.33
C PRO A 239 -10.53 2.48 22.78
N ILE A 240 -11.30 1.70 23.54
CA ILE A 240 -11.86 0.46 22.99
C ILE A 240 -12.72 0.77 21.76
N GLU A 241 -13.60 1.76 21.89
CA GLU A 241 -14.55 2.06 20.82
C GLU A 241 -13.88 2.74 19.63
N ILE A 242 -12.83 3.54 19.88
CA ILE A 242 -12.04 4.03 18.74
C ILE A 242 -11.50 2.86 17.94
N ALA A 243 -10.92 1.87 18.63
CA ALA A 243 -10.33 0.74 17.91
C ALA A 243 -11.39 -0.10 17.21
N ARG A 244 -12.55 -0.29 17.86
CA ARG A 244 -13.64 -1.05 17.24
C ARG A 244 -14.15 -0.37 15.98
N GLN A 245 -14.45 0.94 16.08
CA GLN A 245 -15.06 1.63 14.95
C GLN A 245 -14.07 1.78 13.80
N LEU A 246 -12.79 2.01 14.11
CA LEU A 246 -11.80 2.05 13.04
C LEU A 246 -11.61 0.68 12.40
N THR A 247 -11.75 -0.38 13.19
CA THR A 247 -11.64 -1.73 12.63
C THR A 247 -12.80 -2.03 11.70
N LEU A 248 -14.01 -1.66 12.11
CA LEU A 248 -15.17 -1.82 11.23
C LEU A 248 -14.99 -1.02 9.95
N LEU A 249 -14.50 0.22 10.07
CA LEU A 249 -14.30 1.08 8.92
C LEU A 249 -13.24 0.47 7.99
N GLU A 250 -12.10 0.05 8.56
CA GLU A 250 -11.03 -0.48 7.72
C GLU A 250 -11.39 -1.83 7.15
N SER A 251 -12.14 -2.65 7.91
CA SER A 251 -12.64 -3.90 7.36
C SER A 251 -13.48 -3.65 6.10
N ASP A 252 -14.39 -2.68 6.18
CA ASP A 252 -15.22 -2.37 5.02
C ASP A 252 -14.39 -1.86 3.84
N LEU A 253 -13.46 -0.94 4.10
CA LEU A 253 -12.63 -0.40 3.01
C LEU A 253 -11.79 -1.48 2.36
N TYR A 254 -11.24 -2.40 3.17
CA TYR A 254 -10.45 -3.51 2.64
C TYR A 254 -11.30 -4.43 1.75
N ARG A 255 -12.50 -4.77 2.23
CA ARG A 255 -13.37 -5.69 1.50
C ARG A 255 -13.86 -5.11 0.18
N ALA A 256 -13.89 -3.78 0.05
CA ALA A 256 -14.38 -3.14 -1.16
C ALA A 256 -13.37 -3.07 -2.30
N VAL A 257 -12.11 -3.40 -2.08
CA VAL A 257 -11.11 -3.25 -3.14
C VAL A 257 -11.23 -4.40 -4.14
N GLN A 258 -11.48 -4.07 -5.40
CA GLN A 258 -11.48 -5.12 -6.42
C GLN A 258 -10.04 -5.36 -6.90
N PRO A 259 -9.67 -6.64 -7.12
CA PRO A 259 -8.31 -6.91 -7.64
C PRO A 259 -7.86 -6.06 -8.82
N SER A 260 -8.77 -5.74 -9.76
CA SER A 260 -8.35 -4.97 -10.93
C SER A 260 -7.95 -3.54 -10.62
N GLU A 261 -8.43 -2.97 -9.51
CA GLU A 261 -7.96 -1.66 -9.08
C GLU A 261 -6.46 -1.67 -8.80
N LEU A 262 -5.89 -2.85 -8.60
CA LEU A 262 -4.48 -2.99 -8.25
C LEU A 262 -3.57 -3.31 -9.43
N VAL A 263 -4.10 -3.45 -10.64
CA VAL A 263 -3.34 -3.94 -11.79
C VAL A 263 -2.81 -2.77 -12.61
N GLY A 264 -1.57 -2.89 -13.07
CA GLY A 264 -1.02 -1.88 -13.96
C GLY A 264 -0.83 -0.52 -13.34
N SER A 265 -0.67 -0.46 -12.01
CA SER A 265 -0.43 0.82 -11.32
C SER A 265 -1.50 1.85 -11.67
N VAL A 266 -2.72 1.37 -11.90
CA VAL A 266 -3.76 2.24 -12.42
C VAL A 266 -4.19 3.29 -11.39
N TRP A 267 -3.89 3.09 -10.11
CA TRP A 267 -4.26 4.09 -9.11
C TRP A 267 -3.30 5.28 -9.07
N THR A 268 -2.18 5.21 -9.78
CA THR A 268 -1.25 6.34 -9.89
C THR A 268 -1.37 7.06 -11.23
N LYS A 269 -2.46 6.84 -11.96
CA LYS A 269 -2.60 7.31 -13.34
C LYS A 269 -3.81 8.23 -13.48
N GLU A 270 -4.14 8.55 -14.73
CA GLU A 270 -4.98 9.71 -15.03
C GLU A 270 -6.44 9.49 -14.65
N ASP A 271 -6.98 8.30 -14.91
CA ASP A 271 -8.37 8.00 -14.57
C ASP A 271 -8.50 7.28 -13.23
N LYS A 272 -7.58 7.53 -12.32
CA LYS A 272 -7.48 6.74 -11.09
C LYS A 272 -8.76 6.78 -10.27
N GLU A 273 -9.50 7.91 -10.31
CA GLU A 273 -10.69 8.00 -9.46
C GLU A 273 -11.81 7.11 -9.96
N ILE A 274 -11.79 6.73 -11.23
CA ILE A 274 -12.79 5.84 -11.80
C ILE A 274 -12.33 4.39 -11.73
N ASN A 275 -11.03 4.16 -11.96
CA ASN A 275 -10.52 2.80 -12.06
C ASN A 275 -10.12 2.20 -10.71
N SER A 276 -9.76 3.02 -9.73
CA SER A 276 -9.34 2.52 -8.43
C SER A 276 -9.99 3.26 -7.26
N PRO A 277 -11.32 3.44 -7.25
CA PRO A 277 -11.90 4.28 -6.18
C PRO A 277 -11.79 3.68 -4.80
N ASN A 278 -11.96 2.36 -4.69
CA ASN A 278 -11.91 1.72 -3.38
C ASN A 278 -10.47 1.62 -2.88
N LEU A 279 -9.54 1.30 -3.78
CA LEU A 279 -8.13 1.31 -3.41
C LEU A 279 -7.71 2.69 -2.92
N LEU A 280 -8.10 3.74 -3.66
CA LEU A 280 -7.71 5.09 -3.27
C LEU A 280 -8.28 5.48 -1.92
N LYS A 281 -9.51 5.03 -1.64
CA LYS A 281 -10.13 5.31 -0.34
C LYS A 281 -9.34 4.64 0.78
N MET A 282 -8.90 3.40 0.56
CA MET A 282 -8.08 2.68 1.52
C MET A 282 -6.78 3.42 1.82
N ILE A 283 -6.03 3.77 0.76
CA ILE A 283 -4.73 4.42 0.92
C ILE A 283 -4.89 5.76 1.61
N ARG A 284 -5.90 6.53 1.18
CA ARG A 284 -6.10 7.85 1.77
C ARG A 284 -6.57 7.77 3.20
N HIS A 285 -7.35 6.75 3.54
CA HIS A 285 -7.69 6.57 4.96
C HIS A 285 -6.44 6.28 5.79
N THR A 286 -5.57 5.42 5.28
CA THR A 286 -4.36 5.09 6.02
C THR A 286 -3.47 6.31 6.18
N THR A 287 -3.32 7.11 5.12
CA THR A 287 -2.58 8.37 5.25
C THR A 287 -3.20 9.29 6.28
N ASN A 288 -4.52 9.54 6.15
CA ASN A 288 -5.16 10.52 7.03
C ASN A 288 -5.11 10.08 8.48
N LEU A 289 -5.34 8.79 8.74
CA LEU A 289 -5.35 8.34 10.14
C LEU A 289 -3.94 8.38 10.73
N THR A 290 -2.93 7.95 9.97
CA THR A 290 -1.56 7.99 10.47
C THR A 290 -1.14 9.42 10.75
N LEU A 291 -1.46 10.34 9.84
CA LEU A 291 -1.08 11.73 10.05
C LEU A 291 -1.89 12.35 11.18
N TRP A 292 -3.12 11.91 11.36
CA TRP A 292 -3.93 12.40 12.48
C TRP A 292 -3.32 11.99 13.82
N PHE A 293 -2.84 10.74 13.93
CA PHE A 293 -2.11 10.33 15.13
C PHE A 293 -0.91 11.23 15.39
N GLU A 294 -0.10 11.46 14.36
CA GLU A 294 1.07 12.32 14.51
C GLU A 294 0.66 13.73 14.91
N LYS A 295 -0.40 14.24 14.29
CA LYS A 295 -0.87 15.57 14.58
C LYS A 295 -1.34 15.69 16.03
N CYS A 296 -2.09 14.69 16.53
CA CYS A 296 -2.55 14.73 17.91
C CYS A 296 -1.36 14.77 18.86
N ILE A 297 -0.31 14.05 18.53
CA ILE A 297 0.89 14.01 19.38
C ILE A 297 1.61 15.36 19.38
N VAL A 298 2.10 15.80 18.21
CA VAL A 298 2.98 16.98 18.22
C VAL A 298 2.22 18.29 18.49
N GLU A 299 0.93 18.36 18.20
CA GLU A 299 0.19 19.57 18.55
C GLU A 299 -0.17 19.64 20.02
N THR A 300 0.10 18.59 20.78
CA THR A 300 -0.04 18.62 22.24
C THR A 300 1.31 19.06 22.84
N GLU A 301 1.46 20.35 23.11
CA GLU A 301 2.78 20.86 23.47
C GLU A 301 3.17 20.54 24.91
N ASN A 302 2.20 20.46 25.82
CA ASN A 302 2.49 20.13 27.22
C ASN A 302 2.94 18.68 27.33
N LEU A 303 4.06 18.45 28.02
CA LEU A 303 4.67 17.12 28.06
C LEU A 303 3.73 16.08 28.67
N GLU A 304 3.14 16.39 29.82
CA GLU A 304 2.28 15.40 30.47
C GLU A 304 1.08 15.06 29.60
N GLU A 305 0.49 16.06 28.95
CA GLU A 305 -0.64 15.75 28.08
C GLU A 305 -0.18 14.92 26.87
N ARG A 306 1.00 15.21 26.35
CA ARG A 306 1.46 14.47 25.17
C ARG A 306 1.79 13.02 25.51
N VAL A 307 2.30 12.78 26.71
CA VAL A 307 2.49 11.40 27.16
C VAL A 307 1.15 10.68 27.23
N ALA A 308 0.11 11.37 27.72
CA ALA A 308 -1.21 10.76 27.75
C ALA A 308 -1.72 10.45 26.34
N VAL A 309 -1.43 11.32 25.35
CA VAL A 309 -1.84 11.06 23.96
C VAL A 309 -1.15 9.82 23.41
N VAL A 310 0.18 9.77 23.56
CA VAL A 310 0.93 8.62 23.07
C VAL A 310 0.50 7.33 23.77
N SER A 311 0.30 7.38 25.09
N SER A 311 0.33 7.38 25.10
CA SER A 311 -0.15 6.20 25.82
CA SER A 311 -0.17 6.22 25.83
C SER A 311 -1.52 5.75 25.34
C SER A 311 -1.51 5.76 25.31
N ARG A 312 -2.42 6.69 25.03
CA ARG A 312 -3.74 6.31 24.56
C ARG A 312 -3.67 5.64 23.19
N ILE A 313 -2.78 6.14 22.32
CA ILE A 313 -2.63 5.52 21.01
C ILE A 313 -2.07 4.11 21.13
N ILE A 314 -1.19 3.89 22.12
CA ILE A 314 -0.72 2.52 22.34
C ILE A 314 -1.85 1.64 22.86
N GLU A 315 -2.77 2.19 23.65
CA GLU A 315 -3.92 1.40 24.07
C GLU A 315 -4.82 1.04 22.89
N ILE A 316 -5.06 1.99 22.00
CA ILE A 316 -5.79 1.69 20.76
C ILE A 316 -5.08 0.59 19.98
N LEU A 317 -3.75 0.68 19.89
CA LEU A 317 -2.94 -0.37 19.26
C LEU A 317 -3.21 -1.73 19.91
N GLN A 318 -3.23 -1.79 21.25
CA GLN A 318 -3.46 -3.06 21.93
C GLN A 318 -4.79 -3.66 21.55
N VAL A 319 -5.83 -2.82 21.38
CA VAL A 319 -7.14 -3.35 21.00
C VAL A 319 -7.13 -3.78 19.53
N PHE A 320 -6.42 -3.04 18.68
CA PHE A 320 -6.24 -3.47 17.29
C PHE A 320 -5.67 -4.89 17.23
N GLN A 321 -4.65 -5.16 18.05
CA GLN A 321 -4.05 -6.48 18.10
C GLN A 321 -5.07 -7.53 18.55
N GLU A 322 -5.84 -7.21 19.60
CA GLU A 322 -6.87 -8.13 20.07
C GLU A 322 -7.93 -8.39 19.00
N LEU A 323 -8.18 -7.42 18.13
CA LEU A 323 -9.14 -7.60 17.04
C LEU A 323 -8.52 -8.17 15.77
N ASN A 324 -7.22 -8.47 15.76
CA ASN A 324 -6.53 -8.91 14.55
C ASN A 324 -6.67 -7.90 13.41
N ASN A 325 -6.78 -6.61 13.75
CA ASN A 325 -6.71 -5.56 12.74
C ASN A 325 -5.23 -5.18 12.58
N PHE A 326 -4.54 -5.96 11.75
CA PHE A 326 -3.13 -5.68 11.52
C PHE A 326 -2.94 -4.42 10.69
N ASN A 327 -3.94 -4.06 9.91
CA ASN A 327 -3.90 -2.78 9.20
C ASN A 327 -3.77 -1.63 10.20
N GLY A 328 -4.63 -1.64 11.22
CA GLY A 328 -4.57 -0.60 12.25
C GLY A 328 -3.29 -0.68 13.06
N VAL A 329 -2.86 -1.89 13.40
CA VAL A 329 -1.61 -2.06 14.13
C VAL A 329 -0.48 -1.34 13.42
N LEU A 330 -0.33 -1.59 12.10
CA LEU A 330 0.81 -1.01 11.41
C LEU A 330 0.65 0.49 11.13
N GLU A 331 -0.59 0.99 11.10
CA GLU A 331 -0.78 2.44 11.06
C GLU A 331 -0.23 3.10 12.32
N VAL A 332 -0.48 2.51 13.49
CA VAL A 332 0.08 3.05 14.73
C VAL A 332 1.60 2.96 14.68
N VAL A 333 2.13 1.81 14.27
CA VAL A 333 3.59 1.64 14.21
C VAL A 333 4.20 2.67 13.28
N SER A 334 3.55 2.94 12.15
CA SER A 334 4.03 3.97 11.24
C SER A 334 4.02 5.36 11.89
N ALA A 335 2.96 5.69 12.64
CA ALA A 335 2.93 7.00 13.30
C ALA A 335 4.06 7.12 14.32
N MET A 336 4.31 6.06 15.08
CA MET A 336 5.32 6.12 16.14
C MET A 336 6.74 6.20 15.56
N ASN A 337 6.96 5.64 14.37
CA ASN A 337 8.26 5.70 13.73
C ASN A 337 8.44 6.94 12.85
N SER A 338 7.41 7.77 12.73
CA SER A 338 7.44 8.90 11.81
C SER A 338 8.48 9.94 12.25
N SER A 339 8.89 10.80 11.30
CA SER A 339 9.84 11.87 11.61
C SER A 339 9.43 12.74 12.80
N PRO A 340 8.19 13.24 12.89
CA PRO A 340 7.88 14.15 14.02
C PRO A 340 7.77 13.45 15.36
N VAL A 341 7.40 12.17 15.39
CA VAL A 341 7.10 11.49 16.64
C VAL A 341 8.31 10.75 17.19
N TYR A 342 9.03 10.04 16.30
CA TYR A 342 10.04 9.11 16.78
C TYR A 342 11.13 9.80 17.59
N ARG A 343 11.45 11.05 17.27
CA ARG A 343 12.53 11.77 17.94
C ARG A 343 12.16 12.28 19.34
N LEU A 344 10.96 12.04 19.83
CA LEU A 344 10.50 12.71 21.07
C LEU A 344 10.98 11.93 22.31
N ASP A 345 12.27 12.06 22.61
CA ASP A 345 12.89 11.35 23.74
C ASP A 345 12.11 11.57 25.04
N HIS A 346 11.78 12.82 25.35
CA HIS A 346 11.19 13.11 26.66
C HIS A 346 9.80 12.52 26.80
N THR A 347 9.11 12.27 25.69
CA THR A 347 7.79 11.66 25.72
C THR A 347 7.88 10.16 25.88
N PHE A 348 8.74 9.50 25.09
CA PHE A 348 8.86 8.06 25.23
C PHE A 348 9.45 7.66 26.57
N GLU A 349 10.20 8.56 27.21
N GLU A 349 10.22 8.55 27.21
CA GLU A 349 10.80 8.23 28.50
CA GLU A 349 10.80 8.25 28.52
C GLU A 349 9.75 8.01 29.59
C GLU A 349 9.72 7.98 29.55
N GLN A 350 8.56 8.61 29.43
N GLN A 350 8.56 8.60 29.43
CA GLN A 350 7.51 8.51 30.44
CA GLN A 350 7.51 8.51 30.44
C GLN A 350 6.48 7.43 30.14
C GLN A 350 6.47 7.45 30.13
N ILE A 351 6.63 6.71 29.03
CA ILE A 351 5.65 5.67 28.69
C ILE A 351 5.87 4.46 29.60
N PRO A 352 4.82 3.94 30.25
CA PRO A 352 5.00 2.79 31.16
C PRO A 352 5.54 1.56 30.44
N SER A 353 6.28 0.73 31.20
CA SER A 353 6.98 -0.42 30.61
C SER A 353 6.01 -1.38 29.92
N ARG A 354 4.83 -1.60 30.49
CA ARG A 354 3.90 -2.54 29.87
C ARG A 354 3.45 -2.05 28.50
N GLN A 355 3.37 -0.73 28.32
CA GLN A 355 2.96 -0.19 27.02
C GLN A 355 4.13 -0.12 26.06
N LYS A 356 5.33 0.19 26.56
CA LYS A 356 6.53 0.01 25.75
C LYS A 356 6.59 -1.38 25.17
N LYS A 357 6.22 -2.37 25.96
CA LYS A 357 6.24 -3.73 25.50
C LYS A 357 5.27 -4.01 24.37
N ILE A 358 4.08 -3.46 24.48
CA ILE A 358 3.07 -3.62 23.43
C ILE A 358 3.54 -2.97 22.12
N LEU A 359 4.10 -1.76 22.23
CA LEU A 359 4.61 -1.07 21.04
C LEU A 359 5.80 -1.82 20.44
N GLU A 360 6.70 -2.32 21.29
CA GLU A 360 7.83 -3.08 20.79
C GLU A 360 7.38 -4.33 20.05
N GLU A 361 6.38 -5.04 20.58
CA GLU A 361 5.91 -6.27 19.94
C GLU A 361 5.22 -5.96 18.61
N ALA A 362 4.47 -4.86 18.54
CA ALA A 362 3.87 -4.47 17.28
C ALA A 362 4.94 -4.06 16.28
N HIS A 363 5.93 -3.28 16.73
CA HIS A 363 7.00 -2.87 15.84
C HIS A 363 7.74 -4.07 15.28
N GLU A 364 7.98 -5.11 16.10
CA GLU A 364 8.71 -6.30 15.64
CA GLU A 364 8.75 -6.24 15.58
C GLU A 364 8.00 -7.00 14.49
N LEU A 365 6.68 -6.84 14.39
CA LEU A 365 5.97 -7.44 13.27
C LEU A 365 6.51 -6.95 11.95
N SER A 366 7.03 -5.72 11.91
CA SER A 366 7.47 -5.07 10.68
C SER A 366 8.93 -5.31 10.35
N GLU A 367 9.74 -5.81 11.29
CA GLU A 367 11.16 -6.00 11.02
C GLU A 367 11.38 -7.13 10.02
N ASP A 368 12.54 -7.10 9.38
CA ASP A 368 12.96 -8.18 8.48
C ASP A 368 11.90 -8.45 7.41
N HIS A 369 11.49 -7.38 6.73
CA HIS A 369 10.46 -7.45 5.70
C HIS A 369 9.21 -8.16 6.20
N TYR A 370 8.75 -7.76 7.39
CA TYR A 370 7.44 -8.18 7.90
C TYR A 370 7.37 -9.68 8.16
N LYS A 371 8.52 -10.30 8.46
CA LYS A 371 8.56 -11.75 8.64
C LYS A 371 7.60 -12.20 9.74
N LYS A 372 7.65 -11.53 10.90
CA LYS A 372 6.77 -11.95 11.99
C LYS A 372 5.31 -11.62 11.69
N TYR A 373 5.05 -10.51 10.98
CA TYR A 373 3.67 -10.21 10.61
C TYR A 373 3.11 -11.30 9.69
N LEU A 374 3.89 -11.69 8.67
CA LEU A 374 3.40 -12.71 7.77
C LEU A 374 3.15 -14.03 8.49
N ALA A 375 4.01 -14.35 9.46
CA ALA A 375 3.78 -15.53 10.30
C ALA A 375 2.50 -15.39 11.12
N LYS A 376 2.28 -14.22 11.73
CA LYS A 376 1.11 -14.05 12.59
C LYS A 376 -0.18 -14.08 11.76
N LEU A 377 -0.15 -13.52 10.55
CA LEU A 377 -1.34 -13.50 9.70
C LEU A 377 -1.75 -14.90 9.27
N ARG A 378 -0.77 -15.78 9.00
CA ARG A 378 -1.11 -17.18 8.72
C ARG A 378 -1.83 -17.81 9.91
N SER A 379 -1.34 -17.53 11.12
CA SER A 379 -1.73 -18.34 12.27
C SER A 379 -3.01 -17.87 12.97
N ILE A 380 -3.51 -16.68 12.67
CA ILE A 380 -4.70 -16.21 13.39
C ILE A 380 -5.93 -16.85 12.77
N ASN A 381 -7.07 -16.73 13.46
CA ASN A 381 -8.37 -17.14 12.97
C ASN A 381 -9.23 -15.92 12.69
N PRO A 382 -10.09 -15.98 11.67
CA PRO A 382 -10.94 -14.82 11.33
C PRO A 382 -11.83 -14.44 12.50
N PRO A 383 -12.34 -13.21 12.54
CA PRO A 383 -12.09 -12.17 11.54
C PRO A 383 -10.76 -11.45 11.71
N CYS A 384 -10.25 -10.86 10.63
CA CYS A 384 -9.04 -10.06 10.69
C CYS A 384 -9.14 -8.98 9.63
N VAL A 385 -8.22 -8.01 9.71
CA VAL A 385 -7.99 -7.06 8.64
C VAL A 385 -6.51 -7.11 8.33
N PRO A 386 -6.09 -7.72 7.23
CA PRO A 386 -4.66 -7.79 6.93
C PRO A 386 -4.08 -6.41 6.68
N PHE A 387 -2.77 -6.31 6.92
CA PHE A 387 -2.04 -5.11 6.58
C PHE A 387 -2.01 -4.95 5.07
N PHE A 388 -2.61 -3.87 4.58
CA PHE A 388 -2.85 -3.72 3.14
C PHE A 388 -1.61 -3.22 2.40
N GLY A 389 -0.78 -2.40 3.05
CA GLY A 389 0.33 -1.78 2.34
C GLY A 389 1.35 -2.75 1.81
N ILE A 390 1.51 -3.90 2.46
CA ILE A 390 2.50 -4.88 1.99
C ILE A 390 2.13 -5.42 0.61
N TYR A 391 0.84 -5.50 0.29
CA TYR A 391 0.44 -5.97 -1.05
C TYR A 391 0.80 -4.94 -2.10
N LEU A 392 0.62 -3.65 -1.79
CA LEU A 392 0.99 -2.60 -2.73
C LEU A 392 2.49 -2.61 -2.99
N THR A 393 3.29 -2.81 -1.94
CA THR A 393 4.74 -2.87 -2.11
C THR A 393 5.13 -4.03 -3.01
N ASN A 394 4.54 -5.20 -2.77
CA ASN A 394 4.88 -6.38 -3.57
C ASN A 394 4.41 -6.25 -5.01
N ILE A 395 3.24 -5.64 -5.22
CA ILE A 395 2.75 -5.43 -6.58
C ILE A 395 3.66 -4.45 -7.33
N LEU A 396 3.99 -3.32 -6.71
CA LEU A 396 4.84 -2.34 -7.37
C LEU A 396 6.20 -2.94 -7.71
N LYS A 397 6.73 -3.78 -6.82
CA LYS A 397 7.98 -4.46 -7.13
C LYS A 397 7.82 -5.38 -8.36
N THR A 398 6.71 -6.11 -8.42
CA THR A 398 6.46 -6.95 -9.59
C THR A 398 6.27 -6.12 -10.86
N GLU A 399 5.52 -5.03 -10.75
CA GLU A 399 5.31 -4.18 -11.92
C GLU A 399 6.63 -3.59 -12.43
N GLU A 400 7.55 -3.26 -11.51
CA GLU A 400 8.81 -2.63 -11.92
C GLU A 400 9.85 -3.66 -12.40
N GLY A 401 9.85 -4.87 -11.86
CA GLY A 401 10.83 -5.88 -12.24
C GLY A 401 10.48 -6.75 -13.42
N ASN A 402 9.44 -6.41 -14.20
CA ASN A 402 9.02 -7.18 -15.36
C ASN A 402 8.62 -6.22 -16.47
N PRO A 403 8.98 -6.50 -17.72
CA PRO A 403 8.60 -5.59 -18.80
C PRO A 403 7.15 -5.76 -19.23
N GLU A 404 6.57 -4.66 -19.71
CA GLU A 404 5.20 -4.66 -20.20
C GLU A 404 5.02 -5.55 -21.42
N VAL A 405 6.02 -5.59 -22.29
CA VAL A 405 5.95 -6.39 -23.51
C VAL A 405 7.23 -7.21 -23.60
N LEU A 406 7.13 -8.33 -24.31
CA LEU A 406 8.28 -9.10 -24.73
C LEU A 406 8.46 -8.92 -26.24
N LYS A 407 9.70 -9.05 -26.70
CA LYS A 407 10.03 -8.93 -28.12
C LYS A 407 10.47 -10.28 -28.67
N ARG A 408 9.90 -10.66 -29.81
CA ARG A 408 10.36 -11.83 -30.57
C ARG A 408 10.45 -11.41 -32.03
N HIS A 409 11.66 -11.46 -32.59
CA HIS A 409 11.89 -11.07 -33.98
C HIS A 409 11.31 -9.70 -34.27
N GLY A 410 11.59 -8.75 -33.37
CA GLY A 410 11.14 -7.38 -33.56
C GLY A 410 9.66 -7.14 -33.33
N LYS A 411 8.86 -8.17 -33.04
CA LYS A 411 7.43 -8.01 -32.80
C LYS A 411 7.16 -7.97 -31.29
N GLU A 412 6.15 -7.20 -30.91
CA GLU A 412 5.82 -6.95 -29.51
C GLU A 412 4.72 -7.89 -29.05
N LEU A 413 4.89 -8.51 -27.88
CA LEU A 413 3.89 -9.38 -27.28
C LEU A 413 3.55 -8.85 -25.90
N ILE A 414 2.25 -8.79 -25.59
CA ILE A 414 1.84 -8.46 -24.21
C ILE A 414 2.44 -9.49 -23.27
N ASN A 415 3.16 -9.02 -22.26
CA ASN A 415 3.73 -9.90 -21.24
C ASN A 415 2.61 -10.31 -20.28
N PHE A 416 2.00 -11.45 -20.57
CA PHE A 416 0.89 -11.92 -19.76
C PHE A 416 1.35 -12.56 -18.46
N SER A 417 2.52 -13.20 -18.44
CA SER A 417 3.05 -13.73 -17.19
C SER A 417 3.21 -12.64 -16.14
N LYS A 418 3.53 -11.41 -16.56
CA LYS A 418 3.61 -10.31 -15.61
C LYS A 418 2.24 -10.03 -14.98
N ARG A 419 1.19 -10.02 -15.80
CA ARG A 419 -0.17 -9.83 -15.28
C ARG A 419 -0.57 -10.96 -14.35
N ARG A 420 -0.20 -12.19 -14.70
CA ARG A 420 -0.50 -13.32 -13.84
C ARG A 420 0.17 -13.16 -12.48
N LYS A 421 1.42 -12.69 -12.47
CA LYS A 421 2.12 -12.50 -11.20
C LYS A 421 1.39 -11.51 -10.31
N VAL A 422 0.95 -10.38 -10.88
CA VAL A 422 0.22 -9.40 -10.09
C VAL A 422 -1.12 -9.99 -9.63
N ALA A 423 -1.80 -10.72 -10.51
CA ALA A 423 -3.08 -11.32 -10.16
C ALA A 423 -2.94 -12.31 -9.02
N GLU A 424 -1.82 -13.02 -8.93
CA GLU A 424 -1.64 -13.93 -7.79
C GLU A 424 -1.57 -13.17 -6.48
N ILE A 425 -0.95 -11.98 -6.47
CA ILE A 425 -0.91 -11.16 -5.27
C ILE A 425 -2.32 -10.69 -4.91
N THR A 426 -3.07 -10.19 -5.90
CA THR A 426 -4.43 -9.74 -5.62
C THR A 426 -5.32 -10.89 -5.16
N GLY A 427 -5.02 -12.12 -5.58
CA GLY A 427 -5.80 -13.25 -5.10
C GLY A 427 -5.65 -13.47 -3.61
N GLU A 428 -4.44 -13.30 -3.07
CA GLU A 428 -4.26 -13.46 -1.63
C GLU A 428 -5.04 -12.40 -0.86
N ILE A 429 -5.18 -11.19 -1.44
CA ILE A 429 -6.00 -10.16 -0.85
C ILE A 429 -7.45 -10.64 -0.72
N GLN A 430 -7.99 -11.19 -1.81
CA GLN A 430 -9.37 -11.62 -1.85
C GLN A 430 -9.68 -12.66 -0.79
N GLN A 431 -8.71 -13.53 -0.48
CA GLN A 431 -8.94 -14.58 0.50
C GLN A 431 -9.32 -14.05 1.88
N TYR A 432 -9.20 -12.75 2.11
CA TYR A 432 -9.54 -12.17 3.41
C TYR A 432 -10.66 -11.14 3.33
N GLN A 433 -11.41 -11.09 2.23
CA GLN A 433 -12.39 -10.03 2.02
C GLN A 433 -13.81 -10.40 2.43
N ASN A 434 -14.00 -11.54 3.10
CA ASN A 434 -15.33 -11.94 3.56
C ASN A 434 -15.27 -12.37 5.03
N GLN A 435 -14.89 -11.44 5.90
CA GLN A 435 -14.72 -11.70 7.33
C GLN A 435 -15.32 -10.57 8.14
N PRO A 436 -16.65 -10.53 8.24
CA PRO A 436 -17.29 -9.45 9.01
C PRO A 436 -17.00 -9.58 10.50
N TYR A 437 -17.02 -8.44 11.18
CA TYR A 437 -16.82 -8.41 12.63
C TYR A 437 -18.17 -8.39 13.35
N CYS A 438 -18.25 -9.10 14.47
CA CYS A 438 -19.43 -9.03 15.34
C CYS A 438 -19.30 -7.82 16.27
N LEU A 439 -19.41 -6.63 15.65
CA LEU A 439 -19.28 -5.36 16.35
C LEU A 439 -20.33 -4.42 15.81
N ARG A 440 -20.95 -3.65 16.69
CA ARG A 440 -21.98 -2.71 16.29
C ARG A 440 -21.37 -1.41 15.81
N VAL A 441 -21.86 -0.93 14.67
CA VAL A 441 -21.49 0.39 14.17
C VAL A 441 -22.05 1.46 15.09
N GLU A 442 -21.23 2.44 15.42
CA GLU A 442 -21.69 3.70 16.01
C GLU A 442 -21.59 4.75 14.91
N SER A 443 -22.75 5.20 14.41
N SER A 443 -22.75 5.21 14.43
CA SER A 443 -22.75 5.98 13.17
CA SER A 443 -22.80 5.99 13.20
C SER A 443 -22.07 7.34 13.32
C SER A 443 -22.07 7.32 13.33
N ASP A 444 -22.12 7.93 14.52
CA ASP A 444 -21.44 9.21 14.70
C ASP A 444 -19.93 9.02 14.80
N ILE A 445 -19.48 7.97 15.50
CA ILE A 445 -18.04 7.74 15.59
C ILE A 445 -17.50 7.36 14.21
N LYS A 446 -18.21 6.49 13.50
CA LYS A 446 -17.82 6.12 12.14
C LYS A 446 -17.65 7.37 11.28
N ARG A 447 -18.60 8.29 11.34
CA ARG A 447 -18.53 9.51 10.54
C ARG A 447 -17.35 10.39 10.97
N PHE A 448 -17.07 10.43 12.28
CA PHE A 448 -15.92 11.18 12.76
C PHE A 448 -14.63 10.71 12.09
N PHE A 449 -14.42 9.39 12.04
CA PHE A 449 -13.20 8.86 11.45
C PHE A 449 -13.24 8.87 9.93
N GLU A 450 -14.42 8.79 9.32
CA GLU A 450 -14.49 8.93 7.87
C GLU A 450 -14.13 10.35 7.44
N ASN A 451 -14.32 11.34 8.31
CA ASN A 451 -14.11 12.72 7.94
C ASN A 451 -12.76 13.28 8.38
N LEU A 452 -11.88 12.46 8.97
CA LEU A 452 -10.55 12.94 9.35
C LEU A 452 -9.86 13.60 8.14
N ASN A 453 -9.34 14.81 8.35
CA ASN A 453 -8.69 15.57 7.30
C ASN A 453 -7.54 16.39 7.92
N PRO A 454 -6.55 15.75 8.54
CA PRO A 454 -5.51 16.51 9.25
C PRO A 454 -4.79 17.56 8.40
N MET A 455 -4.59 17.29 7.10
CA MET A 455 -3.85 18.22 6.25
C MET A 455 -4.67 19.43 5.84
N GLY A 456 -5.99 19.37 5.97
CA GLY A 456 -6.82 20.46 5.47
C GLY A 456 -6.60 20.59 3.97
N ASN A 457 -6.33 21.80 3.52
CA ASN A 457 -6.04 22.01 2.10
C ASN A 457 -4.55 21.99 1.77
N SER A 458 -3.68 21.77 2.75
CA SER A 458 -2.26 21.73 2.45
C SER A 458 -1.89 20.35 1.91
N MET A 459 -0.71 20.28 1.28
CA MET A 459 -0.17 19.03 0.74
C MET A 459 0.74 18.36 1.76
N GLU A 460 0.97 17.06 1.57
CA GLU A 460 1.67 16.29 2.58
C GLU A 460 3.10 16.79 2.82
N LYS A 461 3.76 17.33 1.79
CA LYS A 461 5.12 17.85 2.00
C LYS A 461 5.13 19.02 2.96
N GLU A 462 4.33 20.06 2.69
CA GLU A 462 4.28 21.19 3.63
C GLU A 462 3.73 20.75 4.98
N PHE A 463 2.74 19.85 4.97
CA PHE A 463 2.15 19.43 6.25
C PHE A 463 3.16 18.66 7.10
N THR A 464 3.93 17.76 6.48
CA THR A 464 4.91 17.00 7.23
C THR A 464 6.02 17.90 7.76
N ASP A 465 6.45 18.88 6.94
CA ASP A 465 7.39 19.89 7.45
C ASP A 465 6.79 20.64 8.62
N TYR A 466 5.50 20.96 8.55
CA TYR A 466 4.82 21.61 9.66
C TYR A 466 4.89 20.75 10.92
N LEU A 467 4.55 19.46 10.80
CA LEU A 467 4.60 18.56 11.97
C LEU A 467 6.02 18.44 12.50
N PHE A 468 7.00 18.26 11.60
CA PHE A 468 8.38 18.03 12.04
C PHE A 468 8.94 19.25 12.75
N ASN A 469 8.73 20.45 12.20
CA ASN A 469 9.24 21.62 12.89
C ASN A 469 8.46 21.91 14.16
N LYS A 470 7.20 21.47 14.23
CA LYS A 470 6.49 21.54 15.50
C LYS A 470 7.14 20.63 16.54
N SER A 471 7.54 19.43 16.13
CA SER A 471 8.27 18.53 17.02
C SER A 471 9.51 19.21 17.57
N LEU A 472 10.23 19.95 16.71
CA LEU A 472 11.41 20.66 17.17
C LEU A 472 11.07 21.76 18.16
N GLU A 473 9.87 22.35 18.06
CA GLU A 473 9.45 23.35 19.03
C GLU A 473 9.21 22.72 20.41
N ILE A 474 8.46 21.61 20.45
CA ILE A 474 8.04 21.05 21.74
C ILE A 474 9.17 20.28 22.42
N GLU A 475 10.11 19.71 21.66
CA GLU A 475 11.27 19.04 22.25
C GLU A 475 12.49 19.45 21.44
N PRO A 476 13.12 20.57 21.79
CA PRO A 476 14.25 21.08 21.02
C PRO A 476 15.41 20.09 20.96
N ARG A 477 16.31 20.34 20.01
CA ARG A 477 17.42 19.43 19.76
C ARG A 477 18.39 19.40 20.94
N ASN A 478 19.19 18.33 20.96
CA ASN A 478 19.72 17.78 22.20
C ASN A 478 20.53 18.74 23.11
N PRO A 479 21.27 19.73 22.60
CA PRO A 479 21.90 20.67 23.54
C PRO A 479 20.88 21.54 24.26
N LYS A 480 19.81 21.92 23.58
CA LYS A 480 18.90 22.92 24.11
C LYS A 480 18.07 22.34 25.26
N PRO A 481 17.70 23.18 26.25
CA PRO A 481 16.85 22.70 27.35
C PRO A 481 15.42 22.44 26.90
N LEU A 482 14.58 21.95 27.81
CA LEU A 482 13.19 21.62 27.49
C LEU A 482 12.25 22.67 28.06
N PRO A 483 11.57 23.46 27.25
CA PRO A 483 10.62 24.43 27.78
C PRO A 483 9.37 23.75 28.30
N ARG A 484 8.66 24.47 29.17
CA ARG A 484 7.35 24.07 29.65
C ARG A 484 6.26 24.75 28.83
N PHE A 485 5.18 24.04 28.56
CA PHE A 485 4.09 24.53 27.72
C PHE A 485 2.76 24.43 28.45
N PRO A 486 1.83 25.33 28.15
CA PRO A 486 0.52 25.30 28.82
C PRO A 486 -0.29 24.07 28.42
N LYS A 487 -1.17 23.66 29.33
CA LYS A 487 -2.14 22.60 29.04
C LYS A 487 -3.13 23.09 28.00
N LYS A 488 -3.66 22.15 27.21
CA LYS A 488 -4.71 22.46 26.26
C LYS A 488 -5.99 21.69 26.51
N TYR A 489 -5.97 20.66 27.36
CA TYR A 489 -7.14 19.84 27.62
C TYR A 489 -7.67 20.17 29.00
N SER A 490 -8.98 20.39 29.09
CA SER A 490 -9.56 20.70 30.39
C SER A 490 -10.16 19.48 31.09
N TYR A 491 -10.26 18.35 30.40
CA TYR A 491 -10.82 17.13 30.94
C TYR A 491 -9.71 16.22 31.48
N PRO A 492 -10.04 15.22 32.29
CA PRO A 492 -8.97 14.36 32.84
C PRO A 492 -8.27 13.57 31.75
N LEU A 493 -6.97 13.35 31.97
CA LEU A 493 -6.13 12.60 31.04
C LEU A 493 -6.15 11.11 31.31
N LYS A 494 -6.65 10.69 32.47
CA LYS A 494 -6.62 9.29 32.87
C LYS A 494 -7.42 8.43 31.90
N SER A 495 -6.79 7.34 31.42
CA SER A 495 -7.48 6.46 30.50
C SER A 495 -8.48 5.57 31.24
N PRO A 496 -9.62 5.24 30.63
CA PRO A 496 -10.47 4.18 31.19
C PRO A 496 -9.93 2.77 30.96
N GLY A 497 -8.80 2.61 30.28
CA GLY A 497 -8.25 1.29 30.03
C GLY A 497 -9.00 0.56 28.92
N VAL A 498 -8.53 -0.65 28.61
CA VAL A 498 -9.06 -1.36 27.46
C VAL A 498 -9.72 -2.69 27.86
N ARG A 499 -10.16 -2.81 29.12
CA ARG A 499 -10.99 -3.95 29.47
C ARG A 499 -12.46 -3.62 29.23
N PRO A 500 -13.21 -4.45 28.50
CA PRO A 500 -14.61 -4.11 28.22
C PRO A 500 -15.46 -4.21 29.48
N SER A 501 -16.61 -3.53 29.43
CA SER A 501 -17.50 -3.45 30.60
C SER A 501 -18.07 -4.83 31.00
N GLN B 1 22.49 -4.18 17.42
CA GLN B 1 22.71 -2.80 17.01
C GLN B 1 23.32 -2.64 15.61
N VAL B 2 23.84 -1.44 15.34
CA VAL B 2 24.39 -1.09 14.04
C VAL B 2 25.85 -0.73 14.24
N GLN B 3 26.73 -1.34 13.45
CA GLN B 3 28.12 -0.93 13.47
C GLN B 3 28.29 0.17 12.44
N LEU B 4 28.92 1.27 12.87
CA LEU B 4 29.06 2.50 12.10
C LEU B 4 30.54 2.78 11.93
N VAL B 5 30.99 2.94 10.68
CA VAL B 5 32.40 3.16 10.39
C VAL B 5 32.54 4.51 9.73
N GLU B 6 33.23 5.42 10.40
CA GLU B 6 33.42 6.77 9.89
C GLU B 6 34.72 6.83 9.08
N SER B 7 34.77 7.79 8.16
CA SER B 7 36.00 8.10 7.45
C SER B 7 35.91 9.54 6.97
N GLY B 8 36.99 10.00 6.37
CA GLY B 8 37.14 11.41 6.12
C GLY B 8 37.68 12.06 7.36
N GLY B 9 37.71 13.38 7.36
CA GLY B 9 38.22 14.08 8.51
C GLY B 9 39.69 14.42 8.35
N GLY B 10 40.23 15.10 9.36
CA GLY B 10 41.59 15.57 9.33
C GLY B 10 41.65 17.08 9.41
N LEU B 11 42.73 17.64 8.87
CA LEU B 11 43.04 19.06 9.00
C LEU B 11 42.64 19.80 7.73
N VAL B 12 42.17 21.04 7.91
CA VAL B 12 41.70 21.86 6.80
C VAL B 12 41.89 23.32 7.20
N GLN B 13 42.11 24.17 6.20
CA GLN B 13 42.30 25.59 6.45
C GLN B 13 40.95 26.26 6.73
N PRO B 14 40.93 27.35 7.51
CA PRO B 14 39.69 28.10 7.69
C PRO B 14 39.10 28.51 6.36
N GLY B 15 37.77 28.44 6.26
CA GLY B 15 37.07 28.65 5.01
C GLY B 15 37.13 27.48 4.05
N GLY B 16 37.83 26.40 4.38
CA GLY B 16 37.86 25.22 3.55
C GLY B 16 36.63 24.36 3.75
N SER B 17 36.67 23.16 3.16
CA SER B 17 35.54 22.24 3.19
C SER B 17 36.04 20.81 3.41
N LEU B 18 35.15 19.98 3.94
CA LEU B 18 35.44 18.59 4.25
C LEU B 18 34.12 17.81 4.21
N ARG B 19 34.20 16.54 3.82
CA ARG B 19 33.05 15.66 3.79
C ARG B 19 33.34 14.44 4.66
N LEU B 20 32.56 14.28 5.73
CA LEU B 20 32.61 13.08 6.53
C LEU B 20 31.65 12.05 5.97
N SER B 21 32.03 10.79 6.09
N SER B 21 32.02 10.78 6.08
CA SER B 21 31.20 9.66 5.68
CA SER B 21 31.15 9.69 5.67
C SER B 21 31.06 8.68 6.83
C SER B 21 31.07 8.66 6.79
N CYS B 22 29.92 8.02 6.89
CA CYS B 22 29.67 7.01 7.92
C CYS B 22 28.92 5.86 7.30
N ALA B 23 29.56 4.70 7.26
CA ALA B 23 29.02 3.51 6.62
C ALA B 23 28.38 2.62 7.66
N ALA B 24 27.14 2.20 7.40
CA ALA B 24 26.39 1.35 8.30
C ALA B 24 26.49 -0.11 7.89
N SER B 25 26.47 -1.00 8.89
CA SER B 25 26.52 -2.43 8.66
C SER B 25 25.18 -3.04 8.26
N ARG B 26 24.10 -2.25 8.20
N ARG B 26 24.12 -2.23 8.21
CA ARG B 26 22.81 -2.74 7.74
CA ARG B 26 22.78 -2.67 7.82
C ARG B 26 22.21 -1.71 6.79
C ARG B 26 22.24 -1.73 6.74
N SER B 27 21.12 -2.11 6.14
CA SER B 27 20.46 -1.25 5.17
C SER B 27 19.96 0.02 5.86
N ILE B 28 20.41 1.18 5.38
CA ILE B 28 20.00 2.40 6.06
C ILE B 28 18.55 2.75 5.77
N SER B 29 17.93 2.15 4.75
CA SER B 29 16.55 2.53 4.42
C SER B 29 15.57 2.24 5.56
N SER B 30 15.90 1.31 6.46
CA SER B 30 15.07 1.03 7.62
C SER B 30 15.56 1.70 8.92
N ILE B 31 16.56 2.56 8.84
CA ILE B 31 17.11 3.26 10.01
C ILE B 31 16.42 4.61 10.13
N ASN B 32 15.64 4.80 11.21
CA ASN B 32 14.81 5.99 11.35
C ASN B 32 15.65 7.27 11.31
N ILE B 33 16.64 7.39 12.20
CA ILE B 33 17.43 8.61 12.29
C ILE B 33 18.90 8.26 12.11
N MET B 34 19.59 9.02 11.26
CA MET B 34 21.04 9.04 11.19
C MET B 34 21.48 10.48 11.40
N GLY B 35 22.62 10.66 12.04
CA GLY B 35 23.04 12.00 12.39
C GLY B 35 24.50 12.09 12.76
N TRP B 36 24.92 13.30 13.06
CA TRP B 36 26.27 13.59 13.51
C TRP B 36 26.22 14.42 14.77
N TYR B 37 27.09 14.07 15.72
CA TYR B 37 27.34 14.90 16.90
C TYR B 37 28.80 15.33 16.86
N ARG B 38 29.17 16.27 17.74
CA ARG B 38 30.57 16.63 17.86
C ARG B 38 30.84 17.10 19.28
N GLN B 39 32.08 16.94 19.70
CA GLN B 39 32.52 17.47 20.99
C GLN B 39 33.82 18.22 20.76
N ALA B 40 33.75 19.54 20.92
CA ALA B 40 34.89 20.44 20.86
C ALA B 40 35.62 20.43 22.20
N PRO B 41 36.93 20.69 22.21
CA PRO B 41 37.68 20.60 23.46
C PRO B 41 37.10 21.55 24.49
N GLY B 42 36.90 21.04 25.71
CA GLY B 42 36.33 21.83 26.78
C GLY B 42 34.82 21.86 26.86
N LYS B 43 34.12 21.37 25.84
CA LYS B 43 32.66 21.46 25.81
C LYS B 43 32.05 20.07 25.90
N GLU B 44 30.75 20.06 26.13
CA GLU B 44 29.99 18.82 26.09
C GLU B 44 29.60 18.50 24.66
N ARG B 45 29.39 17.21 24.38
CA ARG B 45 29.03 16.77 23.04
C ARG B 45 27.64 17.30 22.66
N GLU B 46 27.51 17.78 21.42
CA GLU B 46 26.26 18.36 20.95
C GLU B 46 25.85 17.74 19.63
N SER B 47 24.54 17.70 19.39
CA SER B 47 24.05 17.26 18.09
C SER B 47 24.40 18.32 17.04
N VAL B 48 24.83 17.85 15.88
CA VAL B 48 25.21 18.73 14.76
C VAL B 48 24.15 18.72 13.67
N ALA B 49 23.71 17.53 13.29
CA ALA B 49 22.81 17.35 12.16
C ALA B 49 22.13 16.00 12.31
N SER B 50 20.89 15.93 11.86
CA SER B 50 20.16 14.67 11.84
C SER B 50 19.28 14.62 10.61
N HIS B 51 18.97 13.40 10.19
CA HIS B 51 18.32 13.13 8.91
C HIS B 51 17.45 11.90 9.09
N THR B 52 16.15 12.01 8.79
CA THR B 52 15.24 10.88 8.87
C THR B 52 15.01 10.24 7.50
N ARG B 53 14.29 9.11 7.52
CA ARG B 53 14.03 8.34 6.31
C ARG B 53 13.32 9.17 5.23
N ASP B 54 12.40 10.04 5.63
CA ASP B 54 11.66 10.85 4.67
C ASP B 54 12.36 12.17 4.35
N GLY B 55 13.59 12.36 4.81
CA GLY B 55 14.36 13.54 4.45
C GLY B 55 14.23 14.72 5.37
N SER B 56 13.56 14.57 6.51
CA SER B 56 13.48 15.68 7.45
C SER B 56 14.82 15.85 8.16
N THR B 57 15.29 17.09 8.24
CA THR B 57 16.62 17.36 8.78
C THR B 57 16.53 18.50 9.78
N ASP B 58 17.40 18.44 10.80
CA ASP B 58 17.61 19.59 11.65
C ASP B 58 19.10 19.72 11.91
N TYR B 59 19.51 20.93 12.32
CA TYR B 59 20.90 21.32 12.38
C TYR B 59 21.11 22.18 13.62
N ALA B 60 22.30 22.09 14.21
CA ALA B 60 22.68 23.10 15.19
C ALA B 60 22.68 24.48 14.54
N ASP B 61 22.26 25.49 15.30
CA ASP B 61 22.21 26.84 14.75
C ASP B 61 23.56 27.27 14.18
N SER B 62 24.65 26.89 14.86
CA SER B 62 25.96 27.38 14.46
C SER B 62 26.46 26.81 13.13
N VAL B 63 25.78 25.81 12.56
CA VAL B 63 26.21 25.25 11.28
C VAL B 63 25.18 25.41 10.17
N LYS B 64 24.01 26.01 10.46
CA LYS B 64 23.01 26.22 9.42
C LYS B 64 23.60 27.04 8.28
N GLY B 65 23.35 26.59 7.06
CA GLY B 65 23.90 27.19 5.87
C GLY B 65 25.23 26.60 5.44
N ARG B 66 26.03 26.11 6.39
CA ARG B 66 27.35 25.60 6.09
C ARG B 66 27.42 24.09 6.00
N PHE B 67 26.72 23.36 6.87
CA PHE B 67 26.74 21.89 6.85
C PHE B 67 25.48 21.34 6.18
N THR B 68 25.64 20.18 5.54
CA THR B 68 24.52 19.46 4.92
C THR B 68 24.67 17.97 5.20
N ILE B 69 23.62 17.36 5.76
CA ILE B 69 23.58 15.92 5.99
C ILE B 69 22.73 15.26 4.91
N SER B 70 23.19 14.12 4.40
CA SER B 70 22.49 13.41 3.35
C SER B 70 22.78 11.92 3.48
N ARG B 71 21.97 11.11 2.81
CA ARG B 71 22.11 9.66 2.80
C ARG B 71 22.37 9.16 1.38
N ASP B 72 23.01 8.00 1.27
CA ASP B 72 23.19 7.28 0.00
C ASP B 72 22.80 5.83 0.26
N ASN B 73 21.56 5.49 -0.13
CA ASN B 73 21.00 4.16 0.16
C ASN B 73 21.79 3.04 -0.49
N ALA B 74 22.36 3.31 -1.68
CA ALA B 74 23.08 2.26 -2.39
C ALA B 74 24.36 1.87 -1.67
N LYS B 75 25.01 2.83 -0.99
CA LYS B 75 26.23 2.57 -0.23
C LYS B 75 25.99 2.43 1.27
N ASN B 76 24.74 2.50 1.72
CA ASN B 76 24.42 2.44 3.14
C ASN B 76 25.29 3.41 3.93
N THR B 77 25.32 4.67 3.50
CA THR B 77 26.22 5.67 4.05
C THR B 77 25.48 6.97 4.31
N VAL B 78 25.81 7.64 5.42
CA VAL B 78 25.34 9.00 5.69
C VAL B 78 26.55 9.93 5.63
N TYR B 79 26.34 11.13 5.09
CA TYR B 79 27.40 12.09 4.85
C TYR B 79 27.15 13.37 5.61
N LEU B 80 28.24 14.04 5.97
CA LEU B 80 28.18 15.41 6.51
C LEU B 80 29.11 16.28 5.65
N GLN B 81 28.52 17.04 4.73
CA GLN B 81 29.28 17.97 3.90
C GLN B 81 29.45 19.26 4.69
N MET B 82 30.69 19.61 5.01
CA MET B 82 30.98 20.77 5.84
C MET B 82 31.73 21.79 5.00
N ASN B 83 31.07 22.89 4.68
CA ASN B 83 31.65 23.97 3.90
C ASN B 83 31.89 25.18 4.81
N SER B 84 32.77 26.08 4.34
CA SER B 84 33.05 27.35 5.03
C SER B 84 33.48 27.12 6.48
N LEU B 85 34.33 26.13 6.69
CA LEU B 85 34.69 25.71 8.03
C LEU B 85 35.41 26.83 8.78
N LYS B 86 35.17 26.88 10.09
CA LYS B 86 35.71 27.87 11.00
C LYS B 86 36.48 27.17 12.12
N PRO B 87 37.39 27.89 12.81
CA PRO B 87 38.13 27.24 13.91
C PRO B 87 37.22 26.68 15.01
N GLU B 88 36.04 27.25 15.21
CA GLU B 88 35.08 26.73 16.19
C GLU B 88 34.45 25.41 15.78
N ASP B 89 34.66 24.97 14.54
CA ASP B 89 34.19 23.66 14.10
C ASP B 89 35.19 22.56 14.43
N THR B 90 36.37 22.90 14.95
CA THR B 90 37.31 21.89 15.40
C THR B 90 36.68 21.08 16.52
N ALA B 91 36.69 19.76 16.35
CA ALA B 91 36.04 18.85 17.29
C ALA B 91 36.30 17.41 16.85
N VAL B 92 35.95 16.48 17.73
CA VAL B 92 35.72 15.10 17.34
C VAL B 92 34.27 14.97 16.90
N TYR B 93 34.06 14.50 15.67
CA TYR B 93 32.73 14.27 15.12
C TYR B 93 32.35 12.80 15.26
N TYR B 94 31.09 12.54 15.59
CA TYR B 94 30.60 11.19 15.85
C TYR B 94 29.36 10.92 15.00
N CYS B 95 29.42 9.86 14.20
CA CYS B 95 28.25 9.33 13.50
C CYS B 95 27.33 8.61 14.48
N THR B 96 26.02 8.68 14.22
CA THR B 96 25.08 8.05 15.16
C THR B 96 23.82 7.62 14.42
N THR B 97 23.18 6.58 14.93
CA THR B 97 21.86 6.18 14.46
C THR B 97 20.96 5.92 15.66
N LEU B 98 19.68 6.17 15.45
CA LEU B 98 18.64 5.84 16.42
C LEU B 98 17.52 5.18 15.65
N THR B 99 17.18 3.94 16.02
CA THR B 99 16.15 3.25 15.27
C THR B 99 15.58 2.10 16.09
N GLY B 100 14.39 1.67 15.71
CA GLY B 100 13.73 0.54 16.33
C GLY B 100 12.89 0.90 17.56
N PHE B 101 12.10 -0.08 17.98
CA PHE B 101 11.45 -0.07 19.30
C PHE B 101 11.80 -1.41 19.94
N PRO B 102 12.66 -1.44 20.98
CA PRO B 102 13.26 -0.32 21.70
C PRO B 102 14.13 0.59 20.86
N ARG B 103 14.22 1.86 21.26
N ARG B 103 14.19 1.87 21.23
CA ARG B 103 14.95 2.86 20.49
CA ARG B 103 14.95 2.87 20.49
C ARG B 103 16.43 2.72 20.81
C ARG B 103 16.42 2.68 20.83
N ILE B 104 17.16 2.06 19.92
CA ILE B 104 18.57 1.74 20.14
C ILE B 104 19.43 2.79 19.45
N ARG B 105 20.32 3.43 20.21
CA ARG B 105 21.27 4.38 19.66
C ARG B 105 22.64 3.72 19.47
N SER B 106 23.21 3.87 18.27
CA SER B 106 24.54 3.36 17.97
C SER B 106 25.46 4.53 17.67
N TRP B 107 26.77 4.31 17.85
CA TRP B 107 27.76 5.36 17.69
C TRP B 107 28.92 4.87 16.85
N GLY B 108 29.42 5.75 15.98
CA GLY B 108 30.68 5.52 15.30
C GLY B 108 31.86 5.80 16.25
N GLN B 109 33.08 5.61 15.72
CA GLN B 109 34.26 5.65 16.57
C GLN B 109 34.68 7.06 16.98
N GLY B 110 34.27 8.09 16.21
CA GLY B 110 34.75 9.44 16.45
C GLY B 110 35.87 9.78 15.48
N THR B 111 35.78 10.95 14.85
CA THR B 111 36.72 11.38 13.81
C THR B 111 37.16 12.80 14.12
N GLN B 112 38.47 13.01 14.24
CA GLN B 112 38.99 14.34 14.51
C GLN B 112 38.86 15.22 13.28
N VAL B 113 38.36 16.44 13.46
CA VAL B 113 38.38 17.48 12.44
C VAL B 113 39.06 18.69 13.04
N THR B 114 40.10 19.21 12.37
CA THR B 114 40.85 20.35 12.85
C THR B 114 40.82 21.45 11.80
N VAL B 115 40.39 22.65 12.21
CA VAL B 115 40.32 23.81 11.32
C VAL B 115 41.28 24.84 11.89
N SER B 116 42.45 25.00 11.25
CA SER B 116 43.43 25.98 11.72
C SER B 116 44.30 26.52 10.58
S SO4 C . 6.75 1.54 34.84
O1 SO4 C . 5.29 1.40 34.74
O2 SO4 C . 7.33 0.28 35.30
O3 SO4 C . 7.06 2.62 35.76
O4 SO4 C . 7.31 1.86 33.53
S SO4 D . -19.29 -7.31 -9.13
O1 SO4 D . -19.23 -8.31 -10.20
O2 SO4 D . -20.61 -7.34 -8.50
O3 SO4 D . -18.24 -7.62 -8.17
O4 SO4 D . -19.04 -5.97 -9.66
S SO4 E . 12.36 -12.79 -22.62
O1 SO4 E . 11.52 -13.94 -22.91
O2 SO4 E . 12.05 -12.33 -21.27
O3 SO4 E . 13.76 -13.18 -22.69
O4 SO4 E . 12.11 -11.72 -23.58
S SO4 F . -2.07 -23.27 -36.49
O1 SO4 F . -3.30 -22.95 -37.24
O2 SO4 F . -2.26 -24.51 -35.75
O3 SO4 F . -1.80 -22.18 -35.55
O4 SO4 F . -0.95 -23.42 -37.41
S SO4 G . 13.25 3.25 24.75
O1 SO4 G . 13.02 2.32 23.65
O2 SO4 G . 12.58 2.70 25.94
O3 SO4 G . 14.68 3.43 25.00
O4 SO4 G . 12.72 4.57 24.45
#